data_8CZM
#
_entry.id   8CZM
#
_cell.length_a   116.956
_cell.length_b   64.900
_cell.length_c   75.009
_cell.angle_alpha   90.000
_cell.angle_beta   125.676
_cell.angle_gamma   90.000
#
_symmetry.space_group_name_H-M   'C 1 2 1'
#
loop_
_entity.id
_entity.type
_entity.pdbx_description
1 polymer 'Thiol:disulfide interchange protein DsbA'
2 non-polymer 4-bromo-1H-pyrazole
3 non-polymer 'TRIETHYLENE GLYCOL'
4 water water
#
_entity_poly.entity_id   1
_entity_poly.type   'polypeptide(L)'
_entity_poly.pdbx_seq_one_letter_code
;AQYEDGKQYTTLEKPVAGAPQVLEFFSFFCPHCYQFEEVLHISDNVKKKLPEGVKMTKYHVNFMGGDLGKDLTQAWAVAM
ALGVEDKVTVPLFEGVQKTQTIRSASDIRDVFINAGIKGEEYDAAWNSFVVKSLVAQQEKAAADVQLRGVPAMFVNGKYQ
LNPQGMDTSNMDVFVQQYADTVKYLSEKK
;
_entity_poly.pdbx_strand_id   A,B
#
loop_
_chem_comp.id
_chem_comp.type
_chem_comp.name
_chem_comp.formula
BYZ non-polymer 4-bromo-1H-pyrazole 'C3 H3 Br N2'
PGE non-polymer 'TRIETHYLENE GLYCOL' 'C6 H14 O4'
#
# COMPACT_ATOMS: atom_id res chain seq x y z
N ALA A 1 11.95 -19.50 -25.22
CA ALA A 1 12.87 -19.05 -24.20
C ALA A 1 12.21 -19.00 -22.83
N GLN A 2 13.00 -19.25 -21.77
CA GLN A 2 12.49 -19.11 -20.42
C GLN A 2 12.18 -17.67 -20.08
N TYR A 3 12.96 -16.73 -20.63
CA TYR A 3 12.73 -15.31 -20.50
C TYR A 3 12.44 -14.77 -21.89
N GLU A 4 11.35 -14.00 -22.04
CA GLU A 4 10.88 -13.48 -23.32
C GLU A 4 10.29 -12.08 -23.19
N ASP A 5 10.48 -11.23 -24.22
CA ASP A 5 9.73 -9.97 -24.27
C ASP A 5 8.24 -10.21 -24.17
N GLY A 6 7.57 -9.44 -23.32
CA GLY A 6 6.17 -9.56 -23.10
C GLY A 6 5.82 -10.30 -21.84
N LYS A 7 6.79 -11.04 -21.29
CA LYS A 7 6.50 -11.83 -20.11
C LYS A 7 7.20 -11.23 -18.89
N GLN A 8 8.49 -11.49 -18.72
CA GLN A 8 9.18 -10.96 -17.55
C GLN A 8 9.78 -9.59 -17.80
N TYR A 9 9.89 -9.18 -19.07
CA TYR A 9 10.45 -7.87 -19.39
C TYR A 9 9.95 -7.44 -20.75
N THR A 10 10.19 -6.16 -21.06
CA THR A 10 9.97 -5.62 -22.39
C THR A 10 11.21 -4.83 -22.79
N THR A 11 11.35 -4.61 -24.10
CA THR A 11 12.51 -3.93 -24.64
C THR A 11 12.07 -2.56 -25.12
N LEU A 12 12.86 -1.54 -24.79
CA LEU A 12 12.52 -0.17 -25.15
C LEU A 12 12.71 0.03 -26.65
N GLU A 13 11.74 0.68 -27.28
CA GLU A 13 11.87 1.03 -28.70
C GLU A 13 13.11 1.89 -28.93
N LYS A 14 13.31 2.91 -28.09
CA LYS A 14 14.45 3.81 -28.19
C LYS A 14 15.32 3.63 -26.96
N PRO A 15 16.34 2.77 -27.01
CA PRO A 15 17.23 2.62 -25.85
C PRO A 15 17.86 3.94 -25.44
N VAL A 16 18.15 4.07 -24.15
CA VAL A 16 18.76 5.28 -23.59
C VAL A 16 20.25 5.02 -23.38
N ALA A 17 21.08 5.79 -24.08
CA ALA A 17 22.53 5.66 -23.91
C ALA A 17 22.98 6.45 -22.69
N GLY A 18 24.09 6.00 -22.10
CA GLY A 18 24.57 6.60 -20.87
C GLY A 18 23.76 6.26 -19.65
N ALA A 19 22.82 5.33 -19.77
CA ALA A 19 21.94 5.01 -18.66
C ALA A 19 22.71 4.29 -17.55
N PRO A 20 22.27 4.41 -16.31
CA PRO A 20 22.84 3.58 -15.25
C PRO A 20 22.56 2.11 -15.53
N GLN A 21 23.36 1.25 -14.93
CA GLN A 21 23.17 -0.18 -15.11
C GLN A 21 21.82 -0.63 -14.58
N VAL A 22 21.43 -0.15 -13.41
CA VAL A 22 20.11 -0.43 -12.87
C VAL A 22 19.50 0.89 -12.42
N LEU A 23 18.34 1.22 -12.98
CA LEU A 23 17.64 2.47 -12.67
C LEU A 23 16.23 2.14 -12.21
N GLU A 24 15.90 2.52 -10.98
CA GLU A 24 14.56 2.34 -10.43
C GLU A 24 13.85 3.68 -10.34
N PHE A 25 12.56 3.68 -10.65
CA PHE A 25 11.70 4.84 -10.44
C PHE A 25 10.61 4.51 -9.43
N PHE A 26 10.27 5.46 -8.56
CA PHE A 26 9.23 5.21 -7.58
C PHE A 26 8.54 6.52 -7.22
N SER A 27 7.44 6.39 -6.49
CA SER A 27 6.81 7.56 -5.89
C SER A 27 6.42 7.20 -4.46
N PHE A 28 6.55 8.16 -3.54
CA PHE A 28 6.10 7.90 -2.18
C PHE A 28 4.58 7.77 -2.10
N PHE A 29 3.88 8.13 -3.18
CA PHE A 29 2.43 7.96 -3.28
C PHE A 29 2.02 6.62 -3.86
N CYS A 30 2.98 5.82 -4.27
CA CYS A 30 2.70 4.65 -5.10
C CYS A 30 2.55 3.42 -4.21
N PRO A 31 1.39 2.78 -4.15
CA PRO A 31 1.19 1.69 -3.17
C PRO A 31 2.09 0.49 -3.44
N HIS A 32 2.33 0.13 -4.70
CA HIS A 32 3.25 -0.97 -4.97
C HIS A 32 4.68 -0.60 -4.59
N CYS A 33 5.05 0.68 -4.73
CA CYS A 33 6.38 1.11 -4.28
C CYS A 33 6.52 0.94 -2.78
N TYR A 34 5.47 1.26 -2.03
CA TYR A 34 5.44 1.00 -0.59
C TYR A 34 5.80 -0.45 -0.29
N GLN A 35 5.14 -1.38 -0.99
CA GLN A 35 5.40 -2.80 -0.76
CA GLN A 35 5.41 -2.79 -0.74
C GLN A 35 6.82 -3.17 -1.19
N PHE A 36 7.26 -2.67 -2.35
CA PHE A 36 8.62 -2.94 -2.81
C PHE A 36 9.66 -2.57 -1.77
N GLU A 37 9.39 -1.52 -1.00
CA GLU A 37 10.31 -1.06 0.03
C GLU A 37 10.14 -1.83 1.34
N GLU A 38 8.93 -1.86 1.90
CA GLU A 38 8.76 -2.32 3.27
C GLU A 38 8.56 -3.82 3.43
N VAL A 39 7.97 -4.51 2.46
CA VAL A 39 7.70 -5.92 2.64
C VAL A 39 8.51 -6.81 1.69
N LEU A 40 8.78 -6.37 0.45
CA LEU A 40 9.53 -7.19 -0.50
C LEU A 40 11.02 -6.88 -0.52
N HIS A 41 11.43 -5.65 -0.17
CA HIS A 41 12.82 -5.23 -0.21
C HIS A 41 13.46 -5.54 -1.56
N ILE A 42 12.81 -5.06 -2.62
CA ILE A 42 13.23 -5.39 -3.98
C ILE A 42 14.64 -4.94 -4.26
N SER A 43 14.97 -3.67 -3.93
CA SER A 43 16.31 -3.17 -4.23
C SER A 43 17.38 -3.99 -3.55
N ASP A 44 17.19 -4.31 -2.26
CA ASP A 44 18.17 -5.12 -1.55
C ASP A 44 18.35 -6.49 -2.21
N ASN A 45 17.24 -7.13 -2.56
CA ASN A 45 17.34 -8.47 -3.12
C ASN A 45 17.92 -8.47 -4.53
N VAL A 46 17.68 -7.42 -5.31
CA VAL A 46 18.33 -7.30 -6.61
C VAL A 46 19.83 -7.09 -6.43
N LYS A 47 20.21 -6.21 -5.51
CA LYS A 47 21.63 -5.97 -5.25
C LYS A 47 22.35 -7.24 -4.86
N LYS A 48 21.69 -8.09 -4.06
CA LYS A 48 22.33 -9.34 -3.63
C LYS A 48 22.58 -10.28 -4.79
N LYS A 49 21.80 -10.18 -5.86
CA LYS A 49 21.96 -11.07 -6.99
C LYS A 49 22.85 -10.49 -8.08
N LEU A 50 23.29 -9.25 -7.94
CA LEU A 50 24.17 -8.62 -8.93
C LEU A 50 25.61 -8.61 -8.46
N PRO A 51 26.58 -8.55 -9.39
CA PRO A 51 27.99 -8.45 -8.99
C PRO A 51 28.27 -7.26 -8.08
N GLU A 52 29.29 -7.40 -7.24
CA GLU A 52 29.64 -6.35 -6.32
C GLU A 52 30.04 -5.09 -7.08
N GLY A 53 29.62 -3.93 -6.58
CA GLY A 53 30.00 -2.70 -7.24
C GLY A 53 29.13 -2.25 -8.39
N VAL A 54 28.02 -2.93 -8.67
CA VAL A 54 27.17 -2.50 -9.75
C VAL A 54 26.43 -1.25 -9.31
N LYS A 55 26.21 -0.31 -10.23
CA LYS A 55 25.58 0.94 -9.85
C LYS A 55 24.08 0.75 -9.93
N MET A 56 23.42 0.95 -8.80
CA MET A 56 21.96 0.98 -8.70
C MET A 56 21.54 2.39 -8.39
N THR A 57 20.68 2.96 -9.22
CA THR A 57 20.18 4.31 -9.03
C THR A 57 18.68 4.27 -8.78
N LYS A 58 18.19 5.15 -7.93
CA LYS A 58 16.76 5.21 -7.62
CA LYS A 58 16.76 5.22 -7.62
C LYS A 58 16.32 6.67 -7.66
N TYR A 59 15.32 6.96 -8.50
CA TYR A 59 14.77 8.30 -8.67
C TYR A 59 13.29 8.37 -8.32
N HIS A 60 12.86 9.52 -7.79
CA HIS A 60 11.45 9.82 -7.52
C HIS A 60 10.82 10.48 -8.77
N VAL A 61 9.49 10.39 -8.88
CA VAL A 61 8.77 10.90 -10.05
C VAL A 61 7.78 11.95 -9.60
N ASN A 62 7.44 12.88 -10.53
CA ASN A 62 6.51 13.95 -10.22
C ASN A 62 5.06 13.56 -10.46
N PHE A 63 4.79 12.52 -11.24
CA PHE A 63 3.46 12.44 -11.82
C PHE A 63 2.41 11.88 -10.87
N MET A 64 2.73 11.59 -9.62
CA MET A 64 1.69 11.29 -8.64
C MET A 64 1.72 12.30 -7.52
N GLY A 65 0.53 12.64 -7.02
CA GLY A 65 0.46 13.47 -5.83
C GLY A 65 0.57 14.96 -6.04
N GLY A 66 0.47 15.44 -7.27
CA GLY A 66 0.37 16.87 -7.48
C GLY A 66 1.53 17.66 -6.89
N ASP A 67 1.17 18.72 -6.15
CA ASP A 67 2.19 19.62 -5.62
C ASP A 67 3.12 18.91 -4.64
N LEU A 68 2.54 18.14 -3.73
CA LEU A 68 3.37 17.39 -2.79
C LEU A 68 4.24 16.36 -3.50
N GLY A 69 3.74 15.77 -4.59
CA GLY A 69 4.56 14.85 -5.35
C GLY A 69 5.83 15.49 -5.87
N LYS A 70 5.71 16.72 -6.40
CA LYS A 70 6.88 17.47 -6.84
C LYS A 70 7.78 17.83 -5.67
N ASP A 71 7.20 18.23 -4.53
CA ASP A 71 7.99 18.50 -3.33
C ASP A 71 8.80 17.27 -2.93
N LEU A 72 8.20 16.07 -3.08
CA LEU A 72 8.89 14.86 -2.68
C LEU A 72 10.03 14.52 -3.64
N THR A 73 9.90 14.85 -4.93
CA THR A 73 11.05 14.72 -5.81
C THR A 73 12.21 15.60 -5.35
N GLN A 74 11.91 16.83 -4.93
CA GLN A 74 12.97 17.68 -4.42
C GLN A 74 13.52 17.15 -3.09
N ALA A 75 12.66 16.63 -2.20
CA ALA A 75 13.13 16.03 -0.95
C ALA A 75 14.00 14.82 -1.23
N TRP A 76 13.65 14.03 -2.25
CA TRP A 76 14.49 12.90 -2.59
C TRP A 76 15.85 13.35 -3.08
N ALA A 77 15.90 14.43 -3.87
CA ALA A 77 17.18 15.02 -4.25
C ALA A 77 18.00 15.43 -3.03
N VAL A 78 17.35 16.04 -2.03
CA VAL A 78 18.05 16.34 -0.77
C VAL A 78 18.58 15.06 -0.14
N ALA A 79 17.75 14.01 -0.08
CA ALA A 79 18.18 12.73 0.50
C ALA A 79 19.39 12.17 -0.24
N MET A 80 19.38 12.24 -1.59
CA MET A 80 20.53 11.77 -2.34
C MET A 80 21.75 12.64 -2.09
N ALA A 81 21.56 13.96 -2.02
CA ALA A 81 22.70 14.85 -1.81
C ALA A 81 23.36 14.62 -0.46
N LEU A 82 22.57 14.44 0.59
CA LEU A 82 23.10 14.22 1.92
C LEU A 82 23.46 12.78 2.19
N GLY A 83 23.06 11.87 1.31
CA GLY A 83 23.27 10.45 1.51
C GLY A 83 22.46 9.84 2.64
N VAL A 84 21.23 10.31 2.86
CA VAL A 84 20.39 9.87 3.96
C VAL A 84 19.16 9.11 3.45
N GLU A 85 19.22 8.54 2.25
CA GLU A 85 18.09 7.80 1.70
C GLU A 85 17.57 6.72 2.66
N ASP A 86 18.49 5.95 3.26
CA ASP A 86 18.08 4.85 4.12
C ASP A 86 17.44 5.32 5.41
N LYS A 87 17.69 6.57 5.82
CA LYS A 87 17.09 7.07 7.04
C LYS A 87 15.68 7.64 6.83
N VAL A 88 15.36 8.08 5.61
CA VAL A 88 14.10 8.79 5.39
C VAL A 88 13.12 8.03 4.54
N THR A 89 13.53 6.96 3.84
CA THR A 89 12.60 6.29 2.92
CA THR A 89 12.59 6.33 2.92
C THR A 89 11.40 5.73 3.65
N VAL A 90 11.62 5.00 4.74
CA VAL A 90 10.47 4.41 5.44
C VAL A 90 9.58 5.48 6.08
N PRO A 91 10.13 6.46 6.82
CA PRO A 91 9.23 7.50 7.38
C PRO A 91 8.47 8.29 6.34
N LEU A 92 9.03 8.49 5.14
CA LEU A 92 8.29 9.22 4.12
C LEU A 92 7.14 8.38 3.56
N PHE A 93 7.42 7.10 3.26
CA PHE A 93 6.34 6.19 2.85
C PHE A 93 5.23 6.12 3.88
N GLU A 94 5.59 5.95 5.16
CA GLU A 94 4.56 5.84 6.19
C GLU A 94 3.83 7.16 6.39
N GLY A 95 4.54 8.29 6.30
CA GLY A 95 3.89 9.59 6.43
C GLY A 95 2.89 9.87 5.33
N VAL A 96 3.19 9.44 4.10
CA VAL A 96 2.26 9.67 2.99
C VAL A 96 1.11 8.67 3.03
N GLN A 97 1.42 7.36 3.17
CA GLN A 97 0.45 6.31 2.92
C GLN A 97 -0.14 5.66 4.17
N LYS A 98 0.55 5.70 5.31
CA LYS A 98 0.06 4.98 6.49
C LYS A 98 -0.62 5.93 7.47
N THR A 99 0.16 6.85 8.04
CA THR A 99 -0.37 7.81 9.01
C THR A 99 -0.97 9.06 8.37
N GLN A 100 -0.67 9.32 7.09
CA GLN A 100 -1.17 10.47 6.36
C GLN A 100 -0.92 11.76 7.14
N THR A 101 0.31 11.88 7.66
CA THR A 101 0.75 13.07 8.39
C THR A 101 1.62 13.99 7.54
N ILE A 102 1.92 13.61 6.31
CA ILE A 102 2.68 14.45 5.39
C ILE A 102 1.69 15.15 4.47
N ARG A 103 1.45 16.44 4.75
CA ARG A 103 0.53 17.24 3.98
C ARG A 103 1.15 18.49 3.38
N SER A 104 2.40 18.79 3.70
CA SER A 104 3.04 20.02 3.26
C SER A 104 4.54 19.80 3.23
N ALA A 105 5.24 20.75 2.60
CA ALA A 105 6.69 20.67 2.55
C ALA A 105 7.29 20.69 3.95
N SER A 106 6.65 21.42 4.87
CA SER A 106 7.14 21.45 6.25
C SER A 106 7.06 20.08 6.90
N ASP A 107 6.00 19.32 6.61
CA ASP A 107 5.89 17.97 7.17
C ASP A 107 6.99 17.05 6.62
N ILE A 108 7.36 17.23 5.34
CA ILE A 108 8.48 16.48 4.80
C ILE A 108 9.76 16.83 5.56
N ARG A 109 10.01 18.13 5.74
CA ARG A 109 11.16 18.59 6.50
C ARG A 109 11.22 17.98 7.89
N ASP A 110 10.07 17.87 8.56
CA ASP A 110 10.03 17.29 9.91
C ASP A 110 10.55 15.86 9.89
N VAL A 111 10.25 15.11 8.83
CA VAL A 111 10.74 13.74 8.78
C VAL A 111 12.26 13.72 8.78
N PHE A 112 12.89 14.66 8.06
CA PHE A 112 14.35 14.72 8.03
C PHE A 112 14.90 15.17 9.38
N ILE A 113 14.27 16.16 10.02
CA ILE A 113 14.71 16.58 11.36
C ILE A 113 14.63 15.42 12.33
N ASN A 114 13.53 14.66 12.27
CA ASN A 114 13.39 13.52 13.18
C ASN A 114 14.42 12.43 12.92
N ALA A 115 14.87 12.30 11.67
CA ALA A 115 15.90 11.32 11.33
C ALA A 115 17.31 11.82 11.64
N GLY A 116 17.46 13.03 12.19
CA GLY A 116 18.75 13.52 12.61
C GLY A 116 19.45 14.50 11.68
N ILE A 117 18.83 14.88 10.57
CA ILE A 117 19.41 15.91 9.73
C ILE A 117 19.15 17.25 10.41
N LYS A 118 20.19 18.05 10.57
CA LYS A 118 20.01 19.34 11.22
C LYS A 118 19.20 20.27 10.33
N GLY A 119 18.36 21.09 10.96
CA GLY A 119 17.49 21.96 10.19
C GLY A 119 18.26 22.87 9.26
N GLU A 120 19.36 23.45 9.74
CA GLU A 120 20.17 24.33 8.90
C GLU A 120 20.72 23.58 7.70
N GLU A 121 21.05 22.31 7.89
CA GLU A 121 21.62 21.49 6.83
C GLU A 121 20.57 21.09 5.80
N TYR A 122 19.37 20.71 6.27
CA TYR A 122 18.28 20.43 5.35
C TYR A 122 17.92 21.65 4.52
N ASP A 123 17.77 22.80 5.18
CA ASP A 123 17.34 24.00 4.46
C ASP A 123 18.38 24.43 3.44
N ALA A 124 19.66 24.36 3.78
CA ALA A 124 20.71 24.69 2.82
C ALA A 124 20.65 23.76 1.61
N ALA A 125 20.52 22.46 1.87
CA ALA A 125 20.39 21.49 0.78
C ALA A 125 19.16 21.77 -0.06
N TRP A 126 18.01 21.96 0.59
CA TRP A 126 16.75 22.17 -0.12
C TRP A 126 16.87 23.28 -1.16
N ASN A 127 17.55 24.36 -0.80
CA ASN A 127 17.69 25.53 -1.66
C ASN A 127 18.92 25.53 -2.53
N SER A 128 19.70 24.44 -2.53
CA SER A 128 20.97 24.41 -3.23
C SER A 128 20.79 24.14 -4.72
N PHE A 129 21.75 24.62 -5.51
CA PHE A 129 21.76 24.33 -6.94
C PHE A 129 22.23 22.91 -7.22
N VAL A 130 23.03 22.31 -6.32
CA VAL A 130 23.32 20.89 -6.41
C VAL A 130 22.02 20.09 -6.41
N VAL A 131 21.08 20.46 -5.53
CA VAL A 131 19.81 19.74 -5.45
C VAL A 131 18.94 20.06 -6.66
N LYS A 132 18.96 21.32 -7.11
CA LYS A 132 18.23 21.64 -8.35
C LYS A 132 18.71 20.76 -9.49
N SER A 133 20.01 20.53 -9.56
CA SER A 133 20.55 19.70 -10.63
C SER A 133 20.09 18.25 -10.46
N LEU A 134 20.02 17.77 -9.22
CA LEU A 134 19.52 16.42 -8.98
C LEU A 134 18.04 16.29 -9.32
N VAL A 135 17.25 17.34 -9.06
CA VAL A 135 15.85 17.33 -9.48
C VAL A 135 15.76 17.22 -11.01
N ALA A 136 16.57 18.02 -11.72
CA ALA A 136 16.59 17.98 -13.18
C ALA A 136 16.98 16.60 -13.71
N GLN A 137 17.98 15.96 -13.07
CA GLN A 137 18.38 14.63 -13.51
C GLN A 137 17.26 13.63 -13.36
N GLN A 138 16.55 13.67 -12.22
CA GLN A 138 15.42 12.76 -12.02
C GLN A 138 14.34 12.98 -13.07
N GLU A 139 13.98 14.24 -13.32
CA GLU A 139 12.95 14.54 -14.31
C GLU A 139 13.38 14.10 -15.71
N LYS A 140 14.63 14.37 -16.08
CA LYS A 140 15.08 14.03 -17.42
C LYS A 140 15.06 12.52 -17.62
N ALA A 141 15.47 11.76 -16.59
CA ALA A 141 15.46 10.31 -16.73
C ALA A 141 14.05 9.78 -16.97
N ALA A 142 13.05 10.30 -16.26
CA ALA A 142 11.68 9.86 -16.49
C ALA A 142 11.19 10.30 -17.85
N ALA A 143 11.59 11.51 -18.27
CA ALA A 143 11.14 12.07 -19.55
C ALA A 143 11.67 11.27 -20.71
N ASP A 144 12.88 10.72 -20.59
CA ASP A 144 13.47 9.92 -21.64
C ASP A 144 12.59 8.73 -22.04
N VAL A 145 11.72 8.24 -21.15
CA VAL A 145 10.81 7.15 -21.50
C VAL A 145 9.35 7.55 -21.30
N GLN A 146 9.09 8.87 -21.19
CA GLN A 146 7.78 9.42 -20.80
C GLN A 146 7.08 8.50 -19.81
N LEU A 147 7.81 8.20 -18.73
CA LEU A 147 7.34 7.26 -17.74
C LEU A 147 5.99 7.67 -17.18
N ARG A 148 5.06 6.71 -17.11
CA ARG A 148 3.75 7.02 -16.56
C ARG A 148 3.28 5.97 -15.55
N GLY A 149 4.16 5.04 -15.17
CA GLY A 149 3.81 4.09 -14.13
C GLY A 149 5.02 3.76 -13.28
N VAL A 150 4.77 3.55 -11.99
CA VAL A 150 5.79 3.13 -11.04
C VAL A 150 5.20 2.00 -10.21
N PRO A 151 6.04 1.15 -9.59
CA PRO A 151 7.51 1.14 -9.63
C PRO A 151 7.98 0.64 -10.98
N ALA A 152 9.13 1.12 -11.44
CA ALA A 152 9.64 0.72 -12.74
C ALA A 152 11.13 0.52 -12.59
N MET A 153 11.65 -0.51 -13.22
CA MET A 153 13.09 -0.71 -13.23
C MET A 153 13.55 -0.99 -14.63
N PHE A 154 14.66 -0.35 -14.97
CA PHE A 154 15.26 -0.38 -16.30
C PHE A 154 16.69 -0.85 -16.14
N VAL A 155 17.09 -1.78 -16.99
CA VAL A 155 18.43 -2.35 -16.98
C VAL A 155 19.16 -1.86 -18.23
N ASN A 156 20.29 -1.19 -18.03
CA ASN A 156 21.13 -0.66 -19.11
C ASN A 156 20.34 0.17 -20.11
N GLY A 157 19.33 0.88 -19.63
CA GLY A 157 18.53 1.74 -20.47
C GLY A 157 17.92 1.05 -21.67
N LYS A 158 17.84 -0.29 -21.64
CA LYS A 158 17.29 -1.06 -22.75
C LYS A 158 16.12 -1.96 -22.37
N TYR A 159 16.09 -2.51 -21.16
CA TYR A 159 15.07 -3.48 -20.78
C TYR A 159 14.28 -2.99 -19.58
N GLN A 160 12.96 -3.11 -19.65
CA GLN A 160 12.07 -2.74 -18.57
C GLN A 160 11.51 -4.00 -17.91
N LEU A 161 11.66 -4.10 -16.59
CA LEU A 161 11.09 -5.23 -15.86
C LEU A 161 9.58 -5.23 -16.02
N ASN A 162 8.98 -6.42 -16.12
CA ASN A 162 7.53 -6.54 -16.23
C ASN A 162 7.00 -7.43 -15.11
N PRO A 163 6.80 -6.86 -13.92
CA PRO A 163 6.31 -7.66 -12.79
C PRO A 163 4.88 -8.14 -12.93
N GLN A 164 4.10 -7.60 -13.87
CA GLN A 164 2.70 -8.01 -13.97
C GLN A 164 2.56 -9.47 -14.38
N GLY A 165 3.56 -10.03 -15.07
CA GLY A 165 3.53 -11.41 -15.48
C GLY A 165 4.24 -12.36 -14.54
N MET A 166 4.19 -12.08 -13.25
CA MET A 166 4.99 -12.80 -12.27
C MET A 166 4.03 -13.35 -11.20
N ASP A 167 4.26 -14.60 -10.76
CA ASP A 167 3.32 -15.25 -9.83
C ASP A 167 3.42 -14.60 -8.47
N THR A 168 2.27 -14.23 -7.90
CA THR A 168 2.21 -13.46 -6.66
C THR A 168 1.63 -14.26 -5.51
N SER A 169 1.51 -15.59 -5.65
CA SER A 169 0.98 -16.36 -4.53
C SER A 169 2.00 -16.47 -3.40
N ASN A 170 3.29 -16.37 -3.72
CA ASN A 170 4.33 -16.45 -2.72
C ASN A 170 5.22 -15.23 -2.85
N MET A 171 5.31 -14.42 -1.78
CA MET A 171 6.03 -13.16 -1.89
C MET A 171 7.52 -13.39 -2.14
N ASP A 172 8.08 -14.41 -1.50
CA ASP A 172 9.50 -14.68 -1.67
C ASP A 172 9.82 -15.18 -3.07
N VAL A 173 8.95 -16.01 -3.64
CA VAL A 173 9.21 -16.49 -5.00
C VAL A 173 9.11 -15.32 -5.98
N PHE A 174 8.16 -14.40 -5.75
CA PHE A 174 8.07 -13.20 -6.59
C PHE A 174 9.37 -12.40 -6.56
N VAL A 175 9.90 -12.16 -5.36
CA VAL A 175 11.13 -11.38 -5.24
C VAL A 175 12.27 -12.09 -5.96
N GLN A 176 12.36 -13.41 -5.78
CA GLN A 176 13.42 -14.17 -6.44
C GLN A 176 13.29 -14.13 -7.95
N GLN A 177 12.06 -14.22 -8.47
CA GLN A 177 11.90 -14.16 -9.92
C GLN A 177 12.27 -12.79 -10.43
N TYR A 178 11.89 -11.75 -9.70
CA TYR A 178 12.24 -10.38 -10.08
C TYR A 178 13.76 -10.20 -10.12
N ALA A 179 14.44 -10.58 -9.03
CA ALA A 179 15.90 -10.43 -8.95
C ALA A 179 16.61 -11.27 -10.01
N ASP A 180 16.19 -12.53 -10.19
CA ASP A 180 16.81 -13.38 -11.20
C ASP A 180 16.59 -12.81 -12.59
N THR A 181 15.45 -12.17 -12.81
CA THR A 181 15.25 -11.54 -14.12
C THR A 181 16.20 -10.36 -14.30
N VAL A 182 16.36 -9.53 -13.26
CA VAL A 182 17.30 -8.41 -13.37
C VAL A 182 18.69 -8.93 -13.70
N LYS A 183 19.11 -10.01 -13.02
CA LYS A 183 20.42 -10.59 -13.27
C LYS A 183 20.56 -11.07 -14.71
N TYR A 184 19.54 -11.79 -15.20
CA TYR A 184 19.53 -12.20 -16.61
C TYR A 184 19.67 -11.00 -17.54
N LEU A 185 18.89 -9.95 -17.30
CA LEU A 185 18.93 -8.80 -18.19
C LEU A 185 20.28 -8.11 -18.14
N SER A 186 20.90 -8.07 -16.96
CA SER A 186 22.19 -7.43 -16.83
C SER A 186 23.27 -8.20 -17.58
N GLU A 187 23.06 -9.49 -17.81
CA GLU A 187 24.02 -10.31 -18.53
C GLU A 187 23.72 -10.38 -20.02
N LYS A 188 22.73 -9.64 -20.49
CA LYS A 188 22.32 -9.69 -21.90
C LYS A 188 23.28 -8.88 -22.75
N ALA B 1 -22.82 23.88 6.86
CA ALA B 1 -23.63 22.76 7.32
C ALA B 1 -22.73 21.72 7.97
N GLN B 2 -23.23 21.05 9.02
CA GLN B 2 -22.41 20.03 9.67
C GLN B 2 -22.20 18.83 8.75
N TYR B 3 -23.23 18.41 8.02
CA TYR B 3 -23.12 17.35 7.03
C TYR B 3 -23.60 17.84 5.67
N GLU B 4 -22.82 17.53 4.63
CA GLU B 4 -23.19 17.87 3.27
C GLU B 4 -22.77 16.70 2.40
N ASP B 5 -23.66 16.26 1.53
CA ASP B 5 -23.30 15.24 0.56
C ASP B 5 -22.14 15.75 -0.28
N GLY B 6 -21.10 14.92 -0.44
CA GLY B 6 -19.91 15.31 -1.15
C GLY B 6 -18.75 15.68 -0.26
N LYS B 7 -19.01 15.92 1.02
CA LYS B 7 -17.96 16.34 1.94
C LYS B 7 -17.58 15.19 2.86
N GLN B 8 -18.40 14.93 3.89
CA GLN B 8 -18.09 13.86 4.82
C GLN B 8 -18.54 12.50 4.33
N TYR B 9 -19.39 12.47 3.31
CA TYR B 9 -19.86 11.23 2.71
C TYR B 9 -20.27 11.51 1.27
N THR B 10 -20.49 10.44 0.51
CA THR B 10 -21.03 10.53 -0.84
C THR B 10 -22.17 9.56 -0.96
N THR B 11 -22.99 9.74 -1.99
CA THR B 11 -24.17 8.91 -2.20
C THR B 11 -23.97 8.05 -3.44
N LEU B 12 -24.27 6.76 -3.32
CA LEU B 12 -24.08 5.84 -4.43
C LEU B 12 -25.15 6.09 -5.48
N GLU B 13 -24.73 6.17 -6.75
CA GLU B 13 -25.70 6.28 -7.84
C GLU B 13 -26.65 5.10 -7.84
N LYS B 14 -26.11 3.89 -7.69
CA LYS B 14 -26.92 2.67 -7.66
C LYS B 14 -26.80 2.04 -6.27
N PRO B 15 -27.70 2.36 -5.34
CA PRO B 15 -27.67 1.73 -4.02
C PRO B 15 -27.79 0.21 -4.11
N VAL B 16 -27.21 -0.46 -3.12
CA VAL B 16 -27.21 -1.91 -3.04
C VAL B 16 -28.29 -2.34 -2.05
N ALA B 17 -29.28 -3.09 -2.52
CA ALA B 17 -30.35 -3.56 -1.65
C ALA B 17 -29.93 -4.80 -0.88
N GLY B 18 -30.50 -4.97 0.30
CA GLY B 18 -30.07 -6.06 1.15
C GLY B 18 -28.71 -5.86 1.80
N ALA B 19 -28.14 -4.67 1.69
CA ALA B 19 -26.80 -4.44 2.20
C ALA B 19 -26.79 -4.46 3.72
N PRO B 20 -25.65 -4.78 4.34
CA PRO B 20 -25.55 -4.64 5.80
C PRO B 20 -25.74 -3.18 6.19
N GLN B 21 -26.14 -2.97 7.45
CA GLN B 21 -26.33 -1.61 7.94
C GLN B 21 -25.02 -0.83 7.93
N VAL B 22 -23.92 -1.46 8.37
CA VAL B 22 -22.59 -0.86 8.28
C VAL B 22 -21.63 -1.88 7.70
N LEU B 23 -20.99 -1.54 6.58
CA LEU B 23 -20.08 -2.45 5.89
C LEU B 23 -18.72 -1.79 5.68
N GLU B 24 -17.67 -2.40 6.24
CA GLU B 24 -16.30 -1.97 6.02
C GLU B 24 -15.60 -2.92 5.07
N PHE B 25 -14.75 -2.36 4.21
CA PHE B 25 -13.85 -3.14 3.37
C PHE B 25 -12.43 -2.84 3.78
N PHE B 26 -11.59 -3.86 3.84
CA PHE B 26 -10.20 -3.63 4.21
C PHE B 26 -9.33 -4.66 3.51
N SER B 27 -8.01 -4.46 3.62
CA SER B 27 -7.05 -5.46 3.20
C SER B 27 -5.92 -5.55 4.21
N PHE B 28 -5.42 -6.77 4.43
CA PHE B 28 -4.28 -6.88 5.33
C PHE B 28 -3.00 -6.31 4.71
N PHE B 29 -3.01 -6.01 3.42
CA PHE B 29 -1.89 -5.35 2.75
C PHE B 29 -1.98 -3.84 2.83
N CYS B 30 -3.02 -3.31 3.41
CA CYS B 30 -3.32 -1.89 3.29
C CYS B 30 -2.80 -1.13 4.50
N PRO B 31 -1.80 -0.27 4.34
CA PRO B 31 -1.19 0.33 5.54
C PRO B 31 -2.14 1.28 6.24
N HIS B 32 -2.97 2.00 5.49
CA HIS B 32 -3.94 2.87 6.13
C HIS B 32 -5.02 2.05 6.83
N CYS B 33 -5.35 0.86 6.32
CA CYS B 33 -6.27 -0.02 7.05
C CYS B 33 -5.66 -0.45 8.38
N TYR B 34 -4.36 -0.74 8.36
CA TYR B 34 -3.64 -1.08 9.59
C TYR B 34 -3.76 0.08 10.59
N GLN B 35 -3.52 1.29 10.11
CA GLN B 35 -3.64 2.49 10.95
C GLN B 35 -5.04 2.62 11.54
N PHE B 36 -6.07 2.41 10.72
CA PHE B 36 -7.45 2.43 11.20
C PHE B 36 -7.69 1.44 12.33
N GLU B 37 -7.06 0.26 12.25
CA GLU B 37 -7.29 -0.80 13.24
CA GLU B 37 -7.32 -0.76 13.25
C GLU B 37 -6.46 -0.60 14.51
N GLU B 38 -5.16 -0.43 14.34
CA GLU B 38 -4.26 -0.52 15.48
C GLU B 38 -4.06 0.80 16.20
N VAL B 39 -4.23 1.94 15.53
CA VAL B 39 -3.92 3.23 16.11
C VAL B 39 -5.17 4.08 16.31
N LEU B 40 -6.00 4.21 15.28
CA LEU B 40 -7.17 5.07 15.38
C LEU B 40 -8.36 4.37 16.00
N HIS B 41 -8.42 3.05 15.89
CA HIS B 41 -9.54 2.25 16.35
C HIS B 41 -10.86 2.79 15.80
N ILE B 42 -10.89 2.96 14.47
CA ILE B 42 -12.08 3.55 13.84
C ILE B 42 -13.30 2.69 14.14
N SER B 43 -13.20 1.39 13.93
CA SER B 43 -14.36 0.50 14.12
C SER B 43 -14.86 0.56 15.55
N ASP B 44 -13.95 0.52 16.52
CA ASP B 44 -14.34 0.61 17.93
C ASP B 44 -15.09 1.90 18.21
N ASN B 45 -14.59 3.02 17.70
CA ASN B 45 -15.23 4.29 18.01
C ASN B 45 -16.55 4.45 17.28
N VAL B 46 -16.67 3.89 16.09
CA VAL B 46 -17.95 3.92 15.39
C VAL B 46 -18.98 3.13 16.17
N LYS B 47 -18.60 1.94 16.64
CA LYS B 47 -19.51 1.08 17.40
C LYS B 47 -20.00 1.76 18.66
N LYS B 48 -19.13 2.54 19.32
CA LYS B 48 -19.54 3.20 20.56
C LYS B 48 -20.64 4.23 20.33
N LYS B 49 -20.68 4.83 19.14
CA LYS B 49 -21.66 5.88 18.84
C LYS B 49 -22.90 5.34 18.14
N LEU B 50 -22.94 4.07 17.87
CA LEU B 50 -24.10 3.44 17.25
C LEU B 50 -24.95 2.79 18.32
N PRO B 51 -26.24 2.57 18.05
CA PRO B 51 -27.06 1.83 19.02
C PRO B 51 -26.45 0.47 19.35
N GLU B 52 -26.76 -0.03 20.56
CA GLU B 52 -26.17 -1.27 21.03
C GLU B 52 -26.47 -2.46 20.13
N GLY B 53 -27.48 -2.37 19.27
CA GLY B 53 -27.88 -3.50 18.46
C GLY B 53 -27.56 -3.49 16.98
N VAL B 54 -26.84 -2.46 16.45
CA VAL B 54 -26.59 -2.42 15.01
C VAL B 54 -25.43 -3.34 14.74
N LYS B 55 -25.48 -4.05 13.62
CA LYS B 55 -24.40 -4.95 13.30
C LYS B 55 -23.40 -4.18 12.45
N MET B 56 -22.12 -4.34 12.77
CA MET B 56 -21.03 -3.87 11.92
C MET B 56 -20.43 -5.07 11.20
N THR B 57 -20.38 -4.98 9.88
CA THR B 57 -19.86 -6.04 9.02
C THR B 57 -18.55 -5.58 8.37
N LYS B 58 -17.59 -6.49 8.26
CA LYS B 58 -16.29 -6.15 7.68
C LYS B 58 -15.87 -7.23 6.71
N TYR B 59 -15.49 -6.84 5.49
CA TYR B 59 -15.06 -7.78 4.46
C TYR B 59 -13.64 -7.46 4.01
N HIS B 60 -12.91 -8.51 3.64
CA HIS B 60 -11.60 -8.38 3.05
C HIS B 60 -11.73 -8.29 1.51
N VAL B 61 -10.73 -7.68 0.89
CA VAL B 61 -10.75 -7.49 -0.56
C VAL B 61 -9.57 -8.20 -1.19
N ASN B 62 -9.72 -8.57 -2.47
CA ASN B 62 -8.71 -9.31 -3.23
C ASN B 62 -7.68 -8.42 -3.91
N PHE B 63 -8.00 -7.15 -4.17
CA PHE B 63 -7.25 -6.38 -5.15
C PHE B 63 -5.95 -5.78 -4.62
N MET B 64 -5.49 -6.19 -3.45
CA MET B 64 -4.17 -5.85 -2.95
C MET B 64 -3.41 -7.14 -2.69
N GLY B 65 -2.11 -7.16 -3.00
CA GLY B 65 -1.30 -8.32 -2.68
C GLY B 65 -1.45 -9.50 -3.62
N GLY B 66 -2.05 -9.30 -4.79
CA GLY B 66 -2.15 -10.34 -5.82
C GLY B 66 -2.85 -11.60 -5.34
N ASP B 67 -2.33 -12.76 -5.74
CA ASP B 67 -2.95 -14.03 -5.40
C ASP B 67 -2.93 -14.29 -3.90
N LEU B 68 -1.88 -13.84 -3.21
CA LEU B 68 -1.89 -13.95 -1.76
C LEU B 68 -3.00 -13.10 -1.15
N GLY B 69 -3.34 -11.98 -1.78
CA GLY B 69 -4.50 -11.21 -1.33
C GLY B 69 -5.76 -12.04 -1.37
N LYS B 70 -5.93 -12.84 -2.42
CA LYS B 70 -7.10 -13.72 -2.50
C LYS B 70 -7.10 -14.73 -1.36
N ASP B 71 -5.95 -15.31 -1.05
CA ASP B 71 -5.88 -16.25 0.07
C ASP B 71 -6.25 -15.57 1.38
N LEU B 72 -5.89 -14.29 1.54
CA LEU B 72 -6.25 -13.61 2.78
C LEU B 72 -7.74 -13.32 2.85
N THR B 73 -8.39 -13.10 1.70
CA THR B 73 -9.84 -13.03 1.70
C THR B 73 -10.45 -14.34 2.19
N GLN B 74 -9.88 -15.47 1.76
CA GLN B 74 -10.41 -16.74 2.22
C GLN B 74 -10.12 -16.94 3.71
N ALA B 75 -8.93 -16.52 4.15
CA ALA B 75 -8.60 -16.62 5.57
C ALA B 75 -9.52 -15.74 6.42
N TRP B 76 -9.90 -14.56 5.91
CA TRP B 76 -10.85 -13.73 6.63
C TRP B 76 -12.20 -14.42 6.73
N ALA B 77 -12.62 -15.11 5.66
CA ALA B 77 -13.82 -15.92 5.73
C ALA B 77 -13.72 -16.95 6.84
N VAL B 78 -12.57 -17.64 6.94
CA VAL B 78 -12.37 -18.59 8.04
C VAL B 78 -12.47 -17.89 9.38
N ALA B 79 -11.83 -16.73 9.50
CA ALA B 79 -11.90 -15.97 10.76
C ALA B 79 -13.35 -15.67 11.12
N MET B 80 -14.15 -15.25 10.15
CA MET B 80 -15.55 -14.94 10.42
C MET B 80 -16.31 -16.21 10.77
N ALA B 81 -16.07 -17.30 10.03
CA ALA B 81 -16.79 -18.55 10.25
C ALA B 81 -16.48 -19.14 11.63
N LEU B 82 -15.22 -19.07 12.06
CA LEU B 82 -14.84 -19.60 13.37
C LEU B 82 -15.11 -18.61 14.50
N GLY B 83 -15.42 -17.36 14.17
CA GLY B 83 -15.60 -16.32 15.18
C GLY B 83 -14.34 -15.91 15.91
N VAL B 84 -13.20 -15.90 15.23
CA VAL B 84 -11.93 -15.56 15.89
C VAL B 84 -11.34 -14.27 15.33
N GLU B 85 -12.16 -13.39 14.74
CA GLU B 85 -11.67 -12.14 14.17
C GLU B 85 -10.85 -11.35 15.18
N ASP B 86 -11.34 -11.26 16.42
CA ASP B 86 -10.66 -10.50 17.46
C ASP B 86 -9.31 -11.12 17.83
N LYS B 87 -9.12 -12.40 17.56
CA LYS B 87 -7.87 -13.06 17.89
C LYS B 87 -6.83 -12.99 16.78
N VAL B 88 -7.24 -12.86 15.51
CA VAL B 88 -6.30 -12.98 14.40
C VAL B 88 -6.10 -11.69 13.60
N THR B 89 -6.90 -10.64 13.84
CA THR B 89 -6.78 -9.45 13.00
C THR B 89 -5.41 -8.79 13.15
N VAL B 90 -4.99 -8.52 14.38
CA VAL B 90 -3.71 -7.83 14.56
C VAL B 90 -2.56 -8.76 14.18
N PRO B 91 -2.56 -10.04 14.56
CA PRO B 91 -1.47 -10.92 14.09
C PRO B 91 -1.38 -11.05 12.58
N LEU B 92 -2.51 -10.99 11.86
CA LEU B 92 -2.43 -11.06 10.40
C LEU B 92 -1.86 -9.76 9.83
N PHE B 93 -2.29 -8.60 10.36
CA PHE B 93 -1.71 -7.33 9.95
C PHE B 93 -0.20 -7.31 10.21
N GLU B 94 0.21 -7.75 11.41
CA GLU B 94 1.63 -7.74 11.73
C GLU B 94 2.40 -8.76 10.90
N GLY B 95 1.80 -9.92 10.64
CA GLY B 95 2.49 -10.93 9.84
C GLY B 95 2.75 -10.44 8.42
N VAL B 96 1.78 -9.73 7.85
CA VAL B 96 1.96 -9.25 6.49
C VAL B 96 2.88 -8.04 6.45
N GLN B 97 2.61 -7.04 7.30
CA GLN B 97 3.26 -5.75 7.12
C GLN B 97 4.44 -5.48 8.06
N LYS B 98 4.51 -6.10 9.23
CA LYS B 98 5.50 -5.75 10.25
C LYS B 98 6.59 -6.81 10.38
N THR B 99 6.26 -8.00 10.86
CA THR B 99 7.27 -9.06 11.03
C THR B 99 7.56 -9.76 9.73
N GLN B 100 6.71 -9.58 8.71
CA GLN B 100 6.89 -10.18 7.40
C GLN B 100 7.09 -11.69 7.49
N THR B 101 6.22 -12.32 8.27
CA THR B 101 6.19 -13.76 8.40
C THR B 101 5.06 -14.41 7.61
N ILE B 102 4.18 -13.62 7.00
CA ILE B 102 3.14 -14.14 6.13
C ILE B 102 3.61 -13.89 4.70
N ARG B 103 4.07 -14.94 4.02
CA ARG B 103 4.55 -14.82 2.66
C ARG B 103 3.78 -15.68 1.68
N SER B 104 2.94 -16.60 2.16
CA SER B 104 2.13 -17.47 1.32
C SER B 104 1.03 -18.03 2.21
N ALA B 105 0.07 -18.73 1.58
CA ALA B 105 -1.11 -19.20 2.31
C ALA B 105 -0.75 -20.07 3.52
N SER B 106 0.32 -20.87 3.42
CA SER B 106 0.68 -21.74 4.55
C SER B 106 1.02 -20.94 5.80
N ASP B 107 1.65 -19.79 5.65
CA ASP B 107 1.96 -18.94 6.80
C ASP B 107 0.69 -18.41 7.47
N ILE B 108 -0.39 -18.19 6.72
CA ILE B 108 -1.64 -17.76 7.32
C ILE B 108 -2.13 -18.80 8.32
N ARG B 109 -2.10 -20.06 7.93
CA ARG B 109 -2.51 -21.15 8.80
C ARG B 109 -1.80 -21.10 10.15
N ASP B 110 -0.50 -20.79 10.14
CA ASP B 110 0.25 -20.75 11.39
C ASP B 110 -0.26 -19.68 12.34
N VAL B 111 -0.72 -18.54 11.80
CA VAL B 111 -1.26 -17.50 12.67
C VAL B 111 -2.48 -18.01 13.43
N PHE B 112 -3.35 -18.77 12.76
CA PHE B 112 -4.52 -19.32 13.44
C PHE B 112 -4.12 -20.38 14.45
N ILE B 113 -3.20 -21.27 14.07
CA ILE B 113 -2.75 -22.30 14.99
C ILE B 113 -2.09 -21.67 16.21
N ASN B 114 -1.31 -20.62 15.99
CA ASN B 114 -0.67 -19.92 17.10
C ASN B 114 -1.66 -19.21 18.00
N ALA B 115 -2.86 -18.89 17.51
CA ALA B 115 -3.90 -18.31 18.36
C ALA B 115 -4.71 -19.37 19.10
N GLY B 116 -4.40 -20.65 18.92
CA GLY B 116 -5.10 -21.71 19.61
C GLY B 116 -6.10 -22.48 18.77
N ILE B 117 -6.24 -22.17 17.48
CA ILE B 117 -7.13 -22.94 16.61
C ILE B 117 -6.44 -24.24 16.22
N LYS B 118 -7.15 -25.36 16.35
CA LYS B 118 -6.58 -26.62 15.89
C LYS B 118 -6.39 -26.58 14.37
N GLY B 119 -5.28 -27.15 13.89
CA GLY B 119 -5.01 -27.15 12.46
C GLY B 119 -6.06 -27.88 11.65
N GLU B 120 -6.54 -29.02 12.15
CA GLU B 120 -7.57 -29.77 11.43
C GLU B 120 -8.86 -28.98 11.33
N GLU B 121 -9.16 -28.17 12.34
CA GLU B 121 -10.36 -27.34 12.32
C GLU B 121 -10.22 -26.15 11.37
N TYR B 122 -9.03 -25.54 11.34
CA TYR B 122 -8.75 -24.51 10.34
C TYR B 122 -8.91 -25.08 8.94
N ASP B 123 -8.33 -26.26 8.71
CA ASP B 123 -8.41 -26.87 7.38
C ASP B 123 -9.85 -27.22 7.03
N ALA B 124 -10.59 -27.77 7.99
CA ALA B 124 -11.99 -28.07 7.75
C ALA B 124 -12.76 -26.80 7.39
N ALA B 125 -12.53 -25.73 8.15
CA ALA B 125 -13.19 -24.46 7.84
C ALA B 125 -12.77 -23.97 6.46
N TRP B 126 -11.47 -24.01 6.17
CA TRP B 126 -10.96 -23.47 4.91
C TRP B 126 -11.70 -24.09 3.72
N ASN B 127 -11.94 -25.39 3.78
CA ASN B 127 -12.56 -26.16 2.70
C ASN B 127 -14.08 -26.26 2.81
N SER B 128 -14.70 -25.53 3.74
CA SER B 128 -16.12 -25.69 4.05
C SER B 128 -17.00 -24.99 3.03
N PHE B 129 -18.28 -25.42 2.98
CA PHE B 129 -19.22 -24.70 2.12
C PHE B 129 -19.55 -23.32 2.68
N VAL B 130 -19.55 -23.17 4.01
CA VAL B 130 -19.78 -21.84 4.60
C VAL B 130 -18.73 -20.85 4.13
N VAL B 131 -17.45 -21.26 4.13
CA VAL B 131 -16.37 -20.35 3.77
C VAL B 131 -16.37 -20.09 2.27
N LYS B 132 -16.71 -21.10 1.47
CA LYS B 132 -16.87 -20.88 0.05
C LYS B 132 -17.91 -19.81 -0.22
N SER B 133 -19.04 -19.85 0.51
CA SER B 133 -20.09 -18.86 0.32
C SER B 133 -19.65 -17.47 0.79
N LEU B 134 -18.91 -17.42 1.89
CA LEU B 134 -18.43 -16.15 2.42
C LEU B 134 -17.42 -15.50 1.47
N VAL B 135 -16.55 -16.29 0.86
CA VAL B 135 -15.64 -15.72 -0.13
C VAL B 135 -16.44 -15.12 -1.28
N ALA B 136 -17.44 -15.87 -1.76
CA ALA B 136 -18.28 -15.36 -2.85
C ALA B 136 -18.98 -14.08 -2.43
N GLN B 137 -19.51 -14.05 -1.20
CA GLN B 137 -20.22 -12.87 -0.71
C GLN B 137 -19.30 -11.65 -0.62
N GLN B 138 -18.08 -11.84 -0.11
CA GLN B 138 -17.15 -10.70 -0.05
C GLN B 138 -16.81 -10.19 -1.43
N GLU B 139 -16.53 -11.10 -2.37
CA GLU B 139 -16.19 -10.69 -3.72
C GLU B 139 -17.35 -9.95 -4.38
N LYS B 140 -18.57 -10.47 -4.23
CA LYS B 140 -19.73 -9.86 -4.86
C LYS B 140 -19.99 -8.47 -4.30
N ALA B 141 -19.85 -8.30 -2.98
CA ALA B 141 -20.07 -6.99 -2.37
C ALA B 141 -19.13 -5.93 -2.95
N ALA B 142 -17.85 -6.27 -3.15
CA ALA B 142 -16.93 -5.31 -3.74
C ALA B 142 -17.29 -5.03 -5.19
N ALA B 143 -17.68 -6.07 -5.92
CA ALA B 143 -17.99 -5.86 -7.34
C ALA B 143 -19.24 -5.01 -7.49
N ASP B 144 -20.23 -5.22 -6.60
CA ASP B 144 -21.49 -4.48 -6.66
C ASP B 144 -21.31 -2.98 -6.52
N VAL B 145 -20.20 -2.51 -5.94
CA VAL B 145 -19.96 -1.07 -5.85
C VAL B 145 -18.70 -0.69 -6.64
N GLN B 146 -18.23 -1.57 -7.51
CA GLN B 146 -16.98 -1.39 -8.24
C GLN B 146 -15.90 -0.78 -7.35
N LEU B 147 -15.73 -1.39 -6.18
CA LEU B 147 -14.77 -0.88 -5.21
C LEU B 147 -13.37 -0.91 -5.79
N ARG B 148 -12.64 0.20 -5.63
CA ARG B 148 -11.28 0.27 -6.13
C ARG B 148 -10.27 0.71 -5.09
N GLY B 149 -10.67 0.97 -3.86
CA GLY B 149 -9.74 1.36 -2.81
C GLY B 149 -10.22 0.96 -1.44
N VAL B 150 -9.28 0.75 -0.53
CA VAL B 150 -9.58 0.50 0.87
C VAL B 150 -8.70 1.41 1.72
N PRO B 151 -9.10 1.72 2.97
CA PRO B 151 -10.33 1.34 3.68
C PRO B 151 -11.55 2.05 3.13
N ALA B 152 -12.70 1.41 3.23
CA ALA B 152 -13.97 1.97 2.77
C ALA B 152 -15.07 1.53 3.72
N MET B 153 -16.04 2.41 3.93
CA MET B 153 -17.24 2.12 4.71
C MET B 153 -18.46 2.55 3.94
N PHE B 154 -19.49 1.72 3.94
CA PHE B 154 -20.76 2.01 3.29
C PHE B 154 -21.87 1.82 4.30
N VAL B 155 -22.80 2.78 4.37
CA VAL B 155 -23.92 2.71 5.29
C VAL B 155 -25.17 2.36 4.50
N ASN B 156 -25.81 1.26 4.88
CA ASN B 156 -27.04 0.75 4.25
C ASN B 156 -26.90 0.65 2.74
N GLY B 157 -25.70 0.34 2.28
CA GLY B 157 -25.42 0.21 0.86
C GLY B 157 -25.75 1.43 0.02
N LYS B 158 -25.91 2.61 0.64
CA LYS B 158 -26.26 3.82 -0.09
C LYS B 158 -25.26 4.95 0.07
N TYR B 159 -24.65 5.10 1.25
CA TYR B 159 -23.76 6.22 1.55
C TYR B 159 -22.37 5.72 1.86
N GLN B 160 -21.38 6.36 1.26
CA GLN B 160 -19.97 6.00 1.45
C GLN B 160 -19.30 7.06 2.29
N LEU B 161 -18.62 6.64 3.35
CA LEU B 161 -17.88 7.60 4.15
C LEU B 161 -16.77 8.23 3.32
N ASN B 162 -16.52 9.52 3.56
CA ASN B 162 -15.48 10.26 2.84
C ASN B 162 -14.56 10.94 3.84
N PRO B 163 -13.62 10.20 4.42
CA PRO B 163 -12.70 10.82 5.40
C PRO B 163 -11.80 11.89 4.79
N GLN B 164 -11.69 11.94 3.45
CA GLN B 164 -10.89 12.99 2.82
C GLN B 164 -11.56 14.35 2.98
N GLY B 165 -12.88 14.40 3.07
CA GLY B 165 -13.55 15.69 3.23
C GLY B 165 -13.84 15.97 4.69
N MET B 166 -12.97 15.45 5.54
CA MET B 166 -13.16 15.41 6.98
C MET B 166 -11.95 16.07 7.62
N ASP B 167 -12.15 16.76 8.74
CA ASP B 167 -11.06 17.54 9.31
C ASP B 167 -10.04 16.61 9.97
N THR B 168 -8.79 16.68 9.49
CA THR B 168 -7.75 15.74 9.91
C THR B 168 -6.63 16.38 10.72
N SER B 169 -6.81 17.62 11.20
CA SER B 169 -5.72 18.25 11.96
C SER B 169 -5.56 17.62 13.34
N ASN B 170 -6.65 17.14 13.92
CA ASN B 170 -6.66 16.52 15.25
C ASN B 170 -7.23 15.12 15.10
N MET B 171 -6.42 14.11 15.40
CA MET B 171 -6.85 12.76 15.10
C MET B 171 -8.00 12.33 16.01
N ASP B 172 -7.99 12.79 17.26
CA ASP B 172 -9.08 12.43 18.17
C ASP B 172 -10.39 13.04 17.72
N VAL B 173 -10.36 14.29 17.25
CA VAL B 173 -11.57 14.93 16.74
C VAL B 173 -11.98 14.29 15.42
N PHE B 174 -10.99 13.92 14.61
CA PHE B 174 -11.28 13.22 13.36
C PHE B 174 -12.02 11.93 13.62
N VAL B 175 -11.53 11.14 14.58
CA VAL B 175 -12.15 9.84 14.85
C VAL B 175 -13.60 10.03 15.26
N GLN B 176 -13.87 10.99 16.15
CA GLN B 176 -15.26 11.22 16.53
C GLN B 176 -16.08 11.78 15.38
N GLN B 177 -15.47 12.60 14.53
CA GLN B 177 -16.25 13.11 13.39
C GLN B 177 -16.63 11.96 12.47
N TYR B 178 -15.71 11.02 12.26
CA TYR B 178 -16.02 9.83 11.48
C TYR B 178 -17.14 9.03 12.13
N ALA B 179 -17.01 8.77 13.43
CA ALA B 179 -18.05 7.99 14.11
C ALA B 179 -19.38 8.71 14.06
N ASP B 180 -19.38 10.03 14.29
CA ASP B 180 -20.62 10.79 14.27
C ASP B 180 -21.25 10.77 12.87
N THR B 181 -20.44 10.80 11.82
CA THR B 181 -20.99 10.74 10.47
C THR B 181 -21.68 9.42 10.21
N VAL B 182 -21.07 8.31 10.65
CA VAL B 182 -21.71 7.01 10.53
C VAL B 182 -23.05 7.02 11.26
N LYS B 183 -23.07 7.55 12.48
CA LYS B 183 -24.31 7.62 13.24
C LYS B 183 -25.37 8.44 12.48
N TYR B 184 -24.97 9.62 11.99
CA TYR B 184 -25.87 10.45 11.18
C TYR B 184 -26.45 9.68 10.00
N LEU B 185 -25.59 9.02 9.23
CA LEU B 185 -26.01 8.32 8.02
C LEU B 185 -26.91 7.13 8.34
N SER B 186 -26.67 6.42 9.45
CA SER B 186 -27.49 5.26 9.78
C SER B 186 -28.92 5.65 10.13
N GLU B 187 -29.13 6.90 10.55
CA GLU B 187 -30.45 7.40 10.87
C GLU B 187 -31.10 8.11 9.68
N LYS B 188 -30.48 8.05 8.52
CA LYS B 188 -30.99 8.73 7.33
C LYS B 188 -32.09 7.91 6.67
BR4 BYZ C . 3.06 -7.71 -2.19
C4 BYZ C . 3.18 -9.37 -3.09
C5 BYZ C . 4.22 -9.78 -3.90
N1 BYZ C . 3.95 -11.04 -4.24
N2 BYZ C . 2.79 -11.48 -3.69
C3 BYZ C . 2.32 -10.46 -3.00
BR4 BYZ D . 4.65 -4.13 -9.03
C4 BYZ D . 3.16 -4.57 -10.11
C5 BYZ D . 2.51 -3.72 -10.96
N1 BYZ D . 1.53 -4.44 -11.53
N2 BYZ D . 1.50 -5.71 -11.06
C3 BYZ D . 2.50 -5.79 -10.20
BR4 BYZ E . 3.76 -5.07 -5.00
C4 BYZ E . 3.14 -6.47 -6.08
C5 BYZ E . 3.91 -7.46 -6.63
N1 BYZ E . 3.09 -8.18 -7.40
N2 BYZ E . 1.82 -7.72 -7.37
C3 BYZ E . 1.85 -6.68 -6.55
BR4 BYZ F . 15.10 4.22 -18.46
C4 BYZ F . 16.33 5.65 -18.37
C5 BYZ F . 16.02 6.97 -18.53
N1 BYZ F . 17.18 7.63 -18.37
N2 BYZ F . 18.21 6.81 -18.11
C3 BYZ F . 17.70 5.58 -18.10
BR4 BYZ G . -21.39 -1.38 -0.37
C4 BYZ G . -22.23 -3.06 -0.50
C5 BYZ G . -23.11 -3.60 0.40
N1 BYZ G . -23.41 -4.81 -0.06
N2 BYZ G . -22.78 -5.10 -1.22
C3 BYZ G . -22.06 -4.03 -1.50
BR4 BYZ H . -13.56 1.89 7.44
C4 BYZ H . -12.46 0.51 8.10
C5 BYZ H . -11.75 -0.39 7.32
N1 BYZ H . -11.08 -1.17 8.19
N2 BYZ H . -11.32 -0.83 9.48
C3 BYZ H . -12.16 0.19 9.42
C1 PGE I . -9.98 17.75 13.68
C1 PGE I . -9.98 17.75 13.66
O1 PGE I . -9.03 17.59 12.65
O1 PGE I . -8.99 17.62 12.65
C2 PGE I . -10.22 19.20 14.00
C2 PGE I . -10.25 19.17 14.02
O2 PGE I . -9.22 19.68 14.89
O2 PGE I . -9.20 19.68 14.83
C3 PGE I . -9.64 20.81 15.66
C3 PGE I . -9.53 20.90 15.48
C4 PGE I . -9.85 20.40 17.08
C4 PGE I . -9.95 20.64 16.88
O4 PGE I . -8.41 20.87 21.48
O4 PGE I . -8.25 22.90 19.83
C6 PGE I . -8.55 21.56 20.25
C6 PGE I . -8.09 21.49 19.77
C5 PGE I . -8.94 20.61 19.16
C5 PGE I . -9.21 20.87 19.01
O3 PGE I . -9.25 21.34 17.96
O3 PGE I . -8.81 20.48 17.70
#